data_3OEA
#
_entry.id   3OEA
#
_cell.length_a   32.393
_cell.length_b   48.375
_cell.length_c   48.985
_cell.angle_alpha   62.50
_cell.angle_beta   85.11
_cell.angle_gamma   86.22
#
_symmetry.space_group_name_H-M   'P 1'
#
loop_
_entity.id
_entity.type
_entity.pdbx_description
1 polymer 'S-layer associated multidomain endoglucanase'
2 branched beta-D-glucopyranose-(1-4)-beta-D-glucopyranose-(1-4)-beta-D-glucopyranose-(1-4)-beta-D-glucopyranose-(1-4)-alpha-D-glucopyranose
3 non-polymer 'CALCIUM ION'
4 water water
#
_entity_poly.entity_id   1
_entity_poly.type   'polypeptide(L)'
_entity_poly.pdbx_seq_one_letter_code
;SHMVNMVSNPGFEDGLDSWQDWQQDMSAVPEAAHNGALGLKIGGGKAAGGGQDIPLKPNTTYILGAWAKFDSKPAGTFDV
VVQYHLKDANNTYVQHILNFNETDWTYKQLLFTTPDVFGSTPELALWKGDTSKANLYVDDVYLVEV
;
_entity_poly.pdbx_strand_id   A,B
#
# COMPACT_ATOMS: atom_id res chain seq x y z
N SER A 1 -9.21 -4.25 -10.16
CA SER A 1 -8.26 -4.02 -11.28
C SER A 1 -6.89 -4.64 -11.01
N HIS A 2 -6.17 -4.97 -12.09
CA HIS A 2 -4.81 -5.47 -12.02
C HIS A 2 -3.85 -4.34 -12.36
N MET A 3 -3.14 -3.86 -11.35
CA MET A 3 -2.21 -2.75 -11.53
C MET A 3 -0.81 -3.26 -11.83
N VAL A 4 -0.19 -2.68 -12.86
CA VAL A 4 1.12 -3.10 -13.34
C VAL A 4 2.19 -2.90 -12.25
N ASN A 5 2.90 -3.99 -11.95
CA ASN A 5 4.09 -3.91 -11.11
C ASN A 5 5.28 -3.51 -11.98
N MET A 6 5.90 -2.38 -11.63
CA MET A 6 6.99 -1.80 -12.40
CA MET A 6 6.98 -1.81 -12.42
C MET A 6 8.33 -2.48 -12.14
N VAL A 7 8.38 -3.31 -11.11
CA VAL A 7 9.59 -4.04 -10.74
C VAL A 7 9.78 -5.24 -11.66
N SER A 8 10.97 -5.37 -12.24
CA SER A 8 11.29 -6.53 -13.08
C SER A 8 11.71 -7.71 -12.22
N ASN A 9 11.23 -8.90 -12.57
CA ASN A 9 11.46 -10.12 -11.77
C ASN A 9 11.14 -9.88 -10.29
N PRO A 10 9.91 -9.42 -10.00
CA PRO A 10 9.56 -8.92 -8.66
C PRO A 10 9.48 -10.00 -7.58
N GLY A 11 9.32 -11.26 -7.99
CA GLY A 11 9.22 -12.37 -7.06
C GLY A 11 10.37 -13.35 -7.17
N PHE A 12 11.42 -12.94 -7.89
CA PHE A 12 12.64 -13.74 -8.05
C PHE A 12 12.38 -15.11 -8.67
N GLU A 13 11.26 -15.23 -9.37
CA GLU A 13 10.89 -16.48 -10.02
C GLU A 13 11.76 -16.74 -11.25
N ASP A 14 12.37 -15.66 -11.75
CA ASP A 14 13.39 -15.74 -12.79
C ASP A 14 14.78 -15.64 -12.16
N GLY A 15 14.90 -16.09 -10.93
CA GLY A 15 16.18 -16.12 -10.23
C GLY A 15 16.68 -14.71 -9.94
N LEU A 16 17.91 -14.44 -10.35
CA LEU A 16 18.51 -13.12 -10.15
C LEU A 16 18.38 -12.21 -11.37
N ASP A 17 17.64 -12.65 -12.39
CA ASP A 17 17.42 -11.83 -13.59
C ASP A 17 16.92 -10.43 -13.23
N SER A 18 17.53 -9.42 -13.86
CA SER A 18 17.13 -8.01 -13.71
C SER A 18 17.53 -7.34 -12.38
N TRP A 19 18.20 -8.08 -11.50
CA TRP A 19 18.68 -7.53 -10.24
C TRP A 19 20.19 -7.42 -10.23
N GLN A 20 20.69 -6.21 -9.99
CA GLN A 20 22.13 -6.00 -9.85
C GLN A 20 22.59 -6.55 -8.50
N ASP A 21 23.71 -7.26 -8.51
CA ASP A 21 24.24 -7.94 -7.34
C ASP A 21 25.45 -7.16 -6.88
N TRP A 22 25.30 -6.40 -5.79
CA TRP A 22 26.30 -5.42 -5.41
C TRP A 22 27.45 -5.98 -4.58
N GLN A 23 27.15 -6.98 -3.75
CA GLN A 23 28.13 -7.52 -2.82
C GLN A 23 28.44 -9.00 -3.03
N GLN A 24 27.84 -9.59 -4.07
CA GLN A 24 28.01 -11.01 -4.40
C GLN A 24 27.55 -11.95 -3.28
N ASP A 25 26.54 -11.52 -2.51
CA ASP A 25 25.98 -12.37 -1.46
C ASP A 25 24.46 -12.53 -1.60
N MET A 26 24.00 -12.50 -2.85
CA MET A 26 22.60 -12.74 -3.19
C MET A 26 22.44 -14.09 -3.85
N SER A 27 21.32 -14.76 -3.54
CA SER A 27 20.95 -16.01 -4.20
C SER A 27 19.44 -16.17 -4.21
N ALA A 28 18.92 -16.73 -5.29
CA ALA A 28 17.51 -17.05 -5.39
C ALA A 28 17.33 -18.50 -4.95
N VAL A 29 16.62 -18.69 -3.84
CA VAL A 29 16.51 -19.98 -3.17
C VAL A 29 15.09 -20.25 -2.65
N PRO A 30 14.70 -21.54 -2.54
CA PRO A 30 13.36 -21.87 -2.07
C PRO A 30 13.02 -21.36 -0.66
N GLU A 31 13.99 -21.42 0.26
CA GLU A 31 13.73 -21.06 1.65
C GLU A 31 13.33 -19.59 1.82
N ALA A 32 13.69 -18.77 0.84
CA ALA A 32 13.41 -17.34 0.88
C ALA A 32 12.09 -16.98 0.20
N ALA A 33 11.36 -17.97 -0.30
CA ALA A 33 10.12 -17.73 -1.03
C ALA A 33 8.94 -17.51 -0.09
N HIS A 34 8.28 -16.36 -0.24
CA HIS A 34 6.96 -16.16 0.38
C HIS A 34 5.87 -16.53 -0.63
N ASN A 35 6.17 -16.38 -1.92
CA ASN A 35 5.27 -16.74 -3.00
C ASN A 35 6.05 -17.41 -4.12
N GLY A 36 5.41 -18.31 -4.86
CA GLY A 36 6.07 -19.00 -5.97
C GLY A 36 7.13 -19.99 -5.49
N ALA A 37 8.13 -20.22 -6.34
CA ALA A 37 9.15 -21.24 -6.07
C ALA A 37 10.40 -20.70 -5.37
N LEU A 38 10.64 -19.40 -5.47
CA LEU A 38 11.90 -18.78 -5.07
C LEU A 38 11.70 -17.45 -4.36
N GLY A 39 12.69 -17.09 -3.54
CA GLY A 39 12.81 -15.73 -3.01
C GLY A 39 14.26 -15.33 -3.00
N LEU A 40 14.53 -14.08 -2.63
CA LEU A 40 15.90 -13.62 -2.56
C LEU A 40 16.45 -13.79 -1.15
N LYS A 41 17.58 -14.48 -1.06
CA LYS A 41 18.34 -14.56 0.18
C LYS A 41 19.57 -13.66 0.08
N ILE A 42 19.70 -12.75 1.03
CA ILE A 42 20.92 -11.97 1.19
C ILE A 42 21.63 -12.49 2.42
N GLY A 43 22.84 -13.02 2.22
CA GLY A 43 23.60 -13.67 3.28
C GLY A 43 24.05 -12.74 4.38
N GLY A 44 24.03 -13.22 5.61
CA GLY A 44 24.42 -12.42 6.77
C GLY A 44 25.92 -12.28 6.97
N GLY A 45 26.30 -11.51 7.99
CA GLY A 45 27.70 -11.37 8.38
C GLY A 45 28.36 -10.07 7.96
N LYS A 46 27.75 -9.40 6.98
CA LYS A 46 28.20 -8.08 6.53
C LYS A 46 27.08 -7.41 5.74
N ALA A 47 27.16 -6.08 5.61
CA ALA A 47 26.18 -5.33 4.83
C ALA A 47 26.22 -5.76 3.36
N ALA A 48 25.04 -5.98 2.78
CA ALA A 48 24.95 -6.43 1.39
C ALA A 48 23.58 -6.12 0.81
N GLY A 49 23.53 -6.00 -0.51
CA GLY A 49 22.26 -5.80 -1.17
C GLY A 49 22.34 -5.82 -2.67
N GLY A 50 21.25 -5.40 -3.30
CA GLY A 50 21.15 -5.32 -4.73
C GLY A 50 20.04 -4.37 -5.11
N GLY A 51 19.85 -4.17 -6.41
CA GLY A 51 18.81 -3.27 -6.87
C GLY A 51 18.62 -3.22 -8.36
N GLN A 52 17.72 -2.34 -8.79
CA GLN A 52 17.48 -2.10 -10.22
C GLN A 52 17.02 -0.67 -10.45
N ASP A 53 17.33 -0.14 -11.63
CA ASP A 53 16.89 1.19 -12.04
C ASP A 53 15.47 1.11 -12.57
N ILE A 54 14.61 2.01 -12.10
CA ILE A 54 13.22 2.09 -12.57
C ILE A 54 12.83 3.55 -12.83
N PRO A 55 12.83 3.96 -14.12
CA PRO A 55 12.38 5.30 -14.50
C PRO A 55 10.95 5.55 -14.04
N LEU A 56 10.71 6.70 -13.42
CA LEU A 56 9.40 7.05 -12.89
C LEU A 56 8.86 8.33 -13.52
N LYS A 57 7.54 8.49 -13.46
CA LYS A 57 6.88 9.70 -13.93
C LYS A 57 7.00 10.81 -12.88
N PRO A 58 7.11 12.07 -13.32
CA PRO A 58 7.12 13.20 -12.39
C PRO A 58 5.74 13.46 -11.79
N ASN A 59 5.72 14.11 -10.62
CA ASN A 59 4.47 14.49 -9.92
C ASN A 59 3.45 13.35 -9.80
N THR A 60 3.95 12.16 -9.48
CA THR A 60 3.14 10.95 -9.48
C THR A 60 3.34 10.16 -8.18
N THR A 61 2.26 9.64 -7.64
CA THR A 61 2.31 8.82 -6.43
C THR A 61 2.47 7.33 -6.78
N TYR A 62 3.34 6.66 -6.02
CA TYR A 62 3.63 5.25 -6.20
C TYR A 62 3.49 4.51 -4.87
N ILE A 63 3.05 3.25 -4.95
CA ILE A 63 3.09 2.33 -3.82
C ILE A 63 4.38 1.53 -3.92
N LEU A 64 5.17 1.54 -2.86
CA LEU A 64 6.34 0.67 -2.73
C LEU A 64 6.08 -0.33 -1.60
N GLY A 65 6.21 -1.62 -1.92
CA GLY A 65 5.94 -2.67 -0.93
C GLY A 65 6.82 -3.89 -1.10
N ALA A 66 6.91 -4.70 -0.04
CA ALA A 66 7.64 -5.97 -0.09
C ALA A 66 7.31 -6.86 1.10
N TRP A 67 7.48 -8.16 0.90
CA TRP A 67 7.52 -9.14 1.98
C TRP A 67 8.97 -9.40 2.36
N ALA A 68 9.26 -9.43 3.66
CA ALA A 68 10.61 -9.74 4.12
C ALA A 68 10.62 -10.36 5.51
N LYS A 69 11.70 -11.08 5.80
CA LYS A 69 11.99 -11.58 7.14
C LYS A 69 13.48 -11.94 7.28
N PHE A 70 13.99 -11.78 8.50
CA PHE A 70 15.28 -12.34 8.86
C PHE A 70 15.06 -13.74 9.44
N ASP A 71 16.01 -14.65 9.20
CA ASP A 71 15.88 -16.03 9.70
C ASP A 71 16.33 -16.18 11.16
N SER A 72 16.82 -15.08 11.73
CA SER A 72 17.18 -14.98 13.16
C SER A 72 17.19 -13.50 13.51
N LYS A 73 17.23 -13.17 14.80
CA LYS A 73 17.11 -11.78 15.23
C LYS A 73 18.29 -10.91 14.73
N PRO A 74 17.98 -9.88 13.91
CA PRO A 74 19.05 -9.02 13.42
C PRO A 74 19.47 -7.99 14.46
N ALA A 75 20.63 -7.39 14.26
CA ALA A 75 21.06 -6.25 15.06
C ALA A 75 20.48 -4.97 14.47
N GLY A 76 20.54 -4.86 13.15
CA GLY A 76 20.04 -3.69 12.44
C GLY A 76 18.80 -4.01 11.62
N THR A 77 18.79 -3.54 10.37
CA THR A 77 17.61 -3.68 9.53
C THR A 77 17.91 -4.12 8.10
N PHE A 78 16.85 -4.53 7.41
CA PHE A 78 16.83 -4.66 5.96
C PHE A 78 15.89 -3.60 5.42
N ASP A 79 16.36 -2.84 4.44
CA ASP A 79 15.61 -1.70 3.92
C ASP A 79 15.25 -1.86 2.46
N VAL A 80 13.99 -1.57 2.14
CA VAL A 80 13.53 -1.51 0.76
C VAL A 80 13.33 -0.04 0.44
N VAL A 81 14.01 0.43 -0.60
CA VAL A 81 14.15 1.86 -0.84
C VAL A 81 13.91 2.23 -2.31
N VAL A 82 13.20 3.33 -2.54
CA VAL A 82 13.27 4.03 -3.82
C VAL A 82 14.03 5.33 -3.57
N GLN A 83 15.07 5.56 -4.36
CA GLN A 83 15.96 6.69 -4.15
C GLN A 83 16.33 7.38 -5.46
N TYR A 84 16.44 8.71 -5.39
CA TYR A 84 16.81 9.55 -6.52
C TYR A 84 17.27 10.91 -6.01
N HIS A 85 18.06 11.60 -6.83
CA HIS A 85 18.47 12.96 -6.51
C HIS A 85 17.48 13.96 -7.08
N LEU A 86 17.39 15.12 -6.44
CA LEU A 86 16.65 16.25 -6.99
C LEU A 86 17.58 17.04 -7.90
N LYS A 87 16.99 17.84 -8.79
CA LYS A 87 17.77 18.71 -9.66
C LYS A 87 17.94 20.08 -8.99
N ASP A 88 18.69 20.10 -7.91
CA ASP A 88 19.00 21.34 -7.20
C ASP A 88 20.49 21.51 -6.96
N ALA A 89 20.89 22.67 -6.44
CA ALA A 89 22.29 23.00 -6.19
C ALA A 89 22.95 22.08 -5.17
N ASN A 90 22.15 21.60 -4.21
CA ASN A 90 22.66 20.72 -3.15
C ASN A 90 22.70 19.23 -3.51
N ASN A 91 22.19 18.87 -4.68
CA ASN A 91 22.14 17.48 -5.14
C ASN A 91 21.42 16.59 -4.11
N THR A 92 20.31 17.13 -3.60
CA THR A 92 19.54 16.48 -2.52
C THR A 92 19.15 15.05 -2.86
N TYR A 93 19.51 14.13 -1.98
CA TYR A 93 19.23 12.72 -2.17
C TYR A 93 17.97 12.34 -1.39
N VAL A 94 16.91 12.05 -2.14
CA VAL A 94 15.62 11.66 -1.56
CA VAL A 94 15.67 11.66 -1.47
C VAL A 94 15.52 10.13 -1.48
N GLN A 95 15.10 9.63 -0.32
CA GLN A 95 14.96 8.20 -0.12
C GLN A 95 13.62 7.90 0.55
N HIS A 96 12.86 7.01 -0.08
CA HIS A 96 11.61 6.51 0.47
C HIS A 96 11.88 5.11 0.98
N ILE A 97 11.87 4.97 2.30
CA ILE A 97 12.47 3.80 2.97
C ILE A 97 11.47 3.00 3.79
N LEU A 98 11.42 1.70 3.51
CA LEU A 98 10.76 0.75 4.39
C LEU A 98 11.83 0.03 5.21
N ASN A 99 11.69 0.05 6.52
CA ASN A 99 12.63 -0.64 7.42
C ASN A 99 12.03 -1.97 7.91
N PHE A 100 12.80 -3.05 7.77
CA PHE A 100 12.39 -4.36 8.27
C PHE A 100 13.40 -4.85 9.30
N ASN A 101 12.92 -5.35 10.43
CA ASN A 101 13.77 -6.05 11.39
C ASN A 101 13.12 -7.32 11.92
N GLU A 102 12.04 -7.73 11.26
CA GLU A 102 11.18 -8.81 11.72
C GLU A 102 11.78 -10.19 11.46
N THR A 103 11.48 -11.12 12.36
CA THR A 103 11.94 -12.50 12.26
C THR A 103 10.83 -13.44 11.79
N ASP A 104 9.71 -12.86 11.38
CA ASP A 104 8.65 -13.58 10.69
C ASP A 104 8.24 -12.81 9.44
N TRP A 105 7.67 -13.52 8.46
CA TRP A 105 7.26 -12.89 7.21
C TRP A 105 6.37 -11.68 7.49
N THR A 106 6.77 -10.55 6.94
CA THR A 106 6.11 -9.27 7.20
C THR A 106 6.00 -8.48 5.91
N TYR A 107 4.80 -7.98 5.64
CA TYR A 107 4.59 -7.09 4.50
C TYR A 107 4.52 -5.65 4.99
N LYS A 108 5.24 -4.77 4.31
CA LYS A 108 5.15 -3.33 4.55
C LYS A 108 5.05 -2.61 3.22
N GLN A 109 4.34 -1.49 3.21
CA GLN A 109 4.33 -0.62 2.05
C GLN A 109 4.23 0.86 2.44
N LEU A 110 4.66 1.71 1.54
CA LEU A 110 4.52 3.15 1.69
C LEU A 110 4.09 3.75 0.36
N LEU A 111 3.60 4.98 0.42
CA LEU A 111 3.30 5.74 -0.78
C LEU A 111 4.18 6.98 -0.80
N PHE A 112 4.68 7.31 -1.98
CA PHE A 112 5.49 8.51 -2.16
C PHE A 112 5.10 9.22 -3.44
N THR A 113 5.34 10.52 -3.47
CA THR A 113 5.04 11.33 -4.64
C THR A 113 6.34 11.93 -5.19
N THR A 114 6.58 11.66 -6.47
CA THR A 114 7.79 12.10 -7.15
C THR A 114 7.79 13.61 -7.39
N PRO A 115 8.99 14.23 -7.52
CA PRO A 115 9.10 15.66 -7.78
C PRO A 115 8.77 16.00 -9.24
N ASP A 116 8.86 17.27 -9.59
CA ASP A 116 8.56 17.73 -10.94
C ASP A 116 9.66 17.35 -11.93
N VAL A 117 10.90 17.35 -11.45
CA VAL A 117 12.07 16.99 -12.26
C VAL A 117 13.00 16.08 -11.44
N PHE A 118 13.60 15.09 -12.10
CA PHE A 118 14.55 14.18 -11.46
C PHE A 118 15.99 14.63 -11.69
N GLY A 119 16.84 14.45 -10.68
CA GLY A 119 18.27 14.73 -10.78
C GLY A 119 19.07 13.49 -11.12
N SER A 120 18.43 12.32 -10.94
CA SER A 120 19.01 11.03 -11.32
C SER A 120 17.87 10.04 -11.58
N THR A 121 18.21 8.91 -12.20
CA THR A 121 17.24 7.84 -12.44
C THR A 121 16.89 7.16 -11.11
N PRO A 122 15.59 7.06 -10.79
CA PRO A 122 15.20 6.37 -9.55
C PRO A 122 15.71 4.95 -9.51
N GLU A 123 16.17 4.55 -8.32
CA GLU A 123 16.75 3.24 -8.11
C GLU A 123 16.01 2.55 -6.98
N LEU A 124 15.59 1.32 -7.22
CA LEU A 124 15.01 0.50 -6.16
CA LEU A 124 15.00 0.48 -6.20
C LEU A 124 16.11 -0.33 -5.54
N ALA A 125 16.37 -0.06 -4.26
CA ALA A 125 17.42 -0.76 -3.53
C ALA A 125 16.86 -1.72 -2.50
N LEU A 126 17.46 -2.91 -2.46
CA LEU A 126 17.22 -3.88 -1.40
C LEU A 126 18.50 -3.91 -0.61
N TRP A 127 18.52 -3.21 0.52
CA TRP A 127 19.74 -2.99 1.27
C TRP A 127 19.70 -3.60 2.67
N LYS A 128 20.42 -4.69 2.83
CA LYS A 128 20.54 -5.36 4.12
C LYS A 128 21.77 -4.82 4.85
N GLY A 129 21.61 -3.67 5.48
CA GLY A 129 22.70 -3.03 6.22
C GLY A 129 23.09 -3.78 7.48
N ASP A 130 22.18 -4.61 7.99
CA ASP A 130 22.45 -5.45 9.16
C ASP A 130 23.75 -6.25 8.99
N THR A 131 24.53 -6.33 10.06
CA THR A 131 25.81 -7.04 10.02
C THR A 131 25.85 -8.25 10.96
N SER A 132 24.71 -8.58 11.57
CA SER A 132 24.59 -9.80 12.36
C SER A 132 24.69 -11.03 11.45
N LYS A 133 24.70 -12.22 12.06
CA LYS A 133 24.76 -13.46 11.30
C LYS A 133 23.44 -13.82 10.62
N ALA A 134 22.39 -13.06 10.91
CA ALA A 134 21.06 -13.34 10.35
C ALA A 134 21.03 -13.23 8.83
N ASN A 135 20.40 -14.22 8.19
CA ASN A 135 20.15 -14.15 6.75
C ASN A 135 18.84 -13.43 6.50
N LEU A 136 18.76 -12.71 5.39
CA LEU A 136 17.56 -11.96 5.02
C LEU A 136 16.86 -12.59 3.84
N TYR A 137 15.55 -12.79 3.96
CA TYR A 137 14.70 -13.22 2.86
C TYR A 137 13.79 -12.08 2.43
N VAL A 138 13.69 -11.85 1.13
CA VAL A 138 12.76 -10.87 0.58
C VAL A 138 12.09 -11.44 -0.67
N ASP A 139 10.81 -11.13 -0.84
CA ASP A 139 10.04 -11.64 -1.97
C ASP A 139 8.90 -10.68 -2.29
N ASP A 140 8.37 -10.81 -3.50
CA ASP A 140 7.21 -10.03 -3.96
C ASP A 140 7.33 -8.54 -3.69
N VAL A 141 8.37 -7.96 -4.27
CA VAL A 141 8.58 -6.51 -4.25
C VAL A 141 7.60 -5.86 -5.24
N TYR A 142 7.02 -4.74 -4.81
CA TYR A 142 6.04 -4.01 -5.62
C TYR A 142 6.43 -2.54 -5.77
N LEU A 143 6.26 -2.02 -6.98
CA LEU A 143 6.28 -0.58 -7.23
C LEU A 143 5.18 -0.29 -8.25
N VAL A 144 4.15 0.42 -7.81
CA VAL A 144 2.92 0.56 -8.58
C VAL A 144 2.36 1.98 -8.57
N GLU A 145 2.04 2.48 -9.76
CA GLU A 145 1.48 3.82 -9.92
C GLU A 145 0.04 3.90 -9.42
N VAL A 146 -0.28 4.97 -8.70
CA VAL A 146 -1.62 5.26 -8.19
CA VAL A 146 -1.66 5.21 -8.27
C VAL A 146 -2.27 6.37 -9.03
N SER B 1 3.50 -10.13 -11.11
CA SER B 1 3.44 -9.21 -12.28
C SER B 1 2.47 -8.04 -12.06
N HIS B 2 1.47 -8.26 -11.20
CA HIS B 2 0.44 -7.27 -10.93
C HIS B 2 0.08 -7.17 -9.46
N MET B 3 -0.39 -6.00 -9.07
CA MET B 3 -1.00 -5.80 -7.76
C MET B 3 -2.51 -5.73 -7.96
N VAL B 4 -3.24 -6.67 -7.35
CA VAL B 4 -4.69 -6.73 -7.50
C VAL B 4 -5.36 -5.78 -6.51
N ASN B 5 -6.02 -4.76 -7.05
CA ASN B 5 -6.98 -3.97 -6.27
CA ASN B 5 -6.32 -3.55 -6.29
C ASN B 5 -8.42 -4.52 -6.35
N MET B 6 -9.06 -4.65 -5.19
CA MET B 6 -10.41 -5.19 -5.11
C MET B 6 -11.51 -4.13 -5.13
N VAL B 7 -11.13 -2.86 -4.99
CA VAL B 7 -12.10 -1.77 -5.00
C VAL B 7 -12.40 -1.31 -6.42
N SER B 8 -13.66 -1.42 -6.82
CA SER B 8 -14.10 -0.89 -8.11
C SER B 8 -14.23 0.62 -8.02
N ASN B 9 -13.76 1.32 -9.06
CA ASN B 9 -13.83 2.78 -9.11
C ASN B 9 -13.18 3.42 -7.87
N PRO B 10 -11.92 3.04 -7.56
CA PRO B 10 -11.30 3.45 -6.30
C PRO B 10 -10.99 4.95 -6.21
N GLY B 11 -10.88 5.59 -7.37
CA GLY B 11 -10.55 7.01 -7.42
C GLY B 11 -11.73 7.89 -7.78
N PHE B 12 -12.93 7.30 -7.84
CA PHE B 12 -14.16 8.03 -8.19
C PHE B 12 -14.09 8.69 -9.56
N GLU B 13 -13.16 8.21 -10.39
CA GLU B 13 -12.98 8.74 -11.73
C GLU B 13 -14.18 8.41 -12.63
N ASP B 14 -14.90 7.36 -12.26
CA ASP B 14 -16.15 7.00 -12.91
C ASP B 14 -17.36 7.47 -12.11
N GLY B 15 -17.22 8.61 -11.44
CA GLY B 15 -18.30 9.18 -10.64
C GLY B 15 -18.64 8.28 -9.47
N LEU B 16 -19.94 8.03 -9.28
CA LEU B 16 -20.41 7.18 -8.18
C LEU B 16 -20.59 5.72 -8.59
N ASP B 17 -20.09 5.34 -9.77
CA ASP B 17 -20.14 3.96 -10.24
C ASP B 17 -19.59 3.00 -9.18
N SER B 18 -20.34 1.93 -8.91
CA SER B 18 -19.94 0.88 -7.95
C SER B 18 -20.07 1.27 -6.47
N TRP B 19 -20.51 2.50 -6.20
CA TRP B 19 -20.63 2.98 -4.83
C TRP B 19 -22.08 3.23 -4.46
N GLN B 20 -22.54 2.57 -3.39
CA GLN B 20 -23.88 2.80 -2.87
C GLN B 20 -23.94 4.13 -2.15
N ASP B 21 -24.99 4.88 -2.41
CA ASP B 21 -25.17 6.21 -1.82
C ASP B 21 -26.29 6.10 -0.79
N TRP B 22 -25.91 5.78 0.44
CA TRP B 22 -26.88 5.42 1.48
C TRP B 22 -27.79 6.57 1.94
N GLN B 23 -27.22 7.77 2.07
CA GLN B 23 -27.96 8.91 2.62
C GLN B 23 -28.24 10.02 1.60
N GLN B 24 -27.92 9.77 0.33
CA GLN B 24 -28.08 10.76 -0.76
C GLN B 24 -27.32 12.05 -0.46
N ASP B 25 -26.10 11.88 0.04
CA ASP B 25 -25.27 12.98 0.51
C ASP B 25 -23.89 12.88 -0.14
N MET B 26 -23.81 12.09 -1.21
CA MET B 26 -22.55 11.85 -1.92
C MET B 26 -22.56 12.46 -3.31
N SER B 27 -21.42 13.01 -3.72
CA SER B 27 -21.22 13.44 -5.09
C SER B 27 -19.76 13.25 -5.47
N ALA B 28 -19.51 12.92 -6.72
CA ALA B 28 -18.16 12.82 -7.24
C ALA B 28 -17.86 14.14 -7.95
N VAL B 29 -17.00 14.94 -7.34
CA VAL B 29 -16.75 16.30 -7.79
C VAL B 29 -15.26 16.64 -7.81
N PRO B 30 -14.85 17.57 -8.69
CA PRO B 30 -13.45 17.99 -8.74
C PRO B 30 -12.94 18.51 -7.38
N GLU B 31 -13.81 19.20 -6.65
CA GLU B 31 -13.50 19.75 -5.32
C GLU B 31 -12.84 18.73 -4.38
N ALA B 32 -13.28 17.48 -4.50
CA ALA B 32 -12.86 16.43 -3.59
C ALA B 32 -11.70 15.57 -4.14
N ALA B 33 -11.13 15.97 -5.26
CA ALA B 33 -10.08 15.16 -5.88
C ALA B 33 -8.73 15.34 -5.19
N HIS B 34 -8.10 14.22 -4.84
CA HIS B 34 -6.70 14.23 -4.46
C HIS B 34 -5.84 13.81 -5.65
N ASN B 35 -6.44 13.03 -6.55
CA ASN B 35 -5.77 12.45 -7.69
C ASN B 35 -6.80 12.33 -8.80
N GLY B 36 -6.36 12.50 -10.05
CA GLY B 36 -7.29 12.46 -11.18
C GLY B 36 -8.21 13.66 -11.22
N ALA B 37 -9.38 13.48 -11.84
CA ALA B 37 -10.32 14.58 -12.06
C ALA B 37 -11.35 14.77 -10.96
N LEU B 38 -11.59 13.71 -10.17
CA LEU B 38 -12.69 13.67 -9.22
C LEU B 38 -12.31 13.03 -7.90
N GLY B 39 -13.05 13.37 -6.85
CA GLY B 39 -13.00 12.64 -5.59
C GLY B 39 -14.42 12.56 -5.05
N LEU B 40 -14.61 11.82 -3.97
CA LEU B 40 -15.91 11.73 -3.33
C LEU B 40 -16.08 12.80 -2.26
N LYS B 41 -17.12 13.61 -2.42
CA LYS B 41 -17.53 14.56 -1.39
C LYS B 41 -18.74 14.02 -0.64
N ILE B 42 -18.60 13.86 0.67
CA ILE B 42 -19.74 13.55 1.51
C ILE B 42 -20.11 14.83 2.25
N GLY B 43 -21.29 15.36 1.93
CA GLY B 43 -21.73 16.65 2.47
C GLY B 43 -21.88 16.67 3.96
N GLY B 44 -21.51 17.80 4.58
CA GLY B 44 -21.59 17.94 6.03
C GLY B 44 -23.00 18.16 6.54
N GLY B 45 -23.15 18.12 7.86
CA GLY B 45 -24.41 18.46 8.51
C GLY B 45 -25.15 17.29 9.13
N LYS B 46 -25.01 16.11 8.53
CA LYS B 46 -25.61 14.89 9.08
C LYS B 46 -24.69 13.70 8.82
N ALA B 47 -24.84 12.65 9.61
CA ALA B 47 -24.10 11.42 9.42
C ALA B 47 -24.49 10.80 8.08
N ALA B 48 -23.49 10.45 7.28
CA ALA B 48 -23.73 9.94 5.94
C ALA B 48 -22.56 9.14 5.44
N GLY B 49 -22.83 8.25 4.49
CA GLY B 49 -21.77 7.47 3.88
C GLY B 49 -22.26 6.63 2.72
N GLY B 50 -21.40 5.69 2.33
CA GLY B 50 -21.68 4.80 1.22
C GLY B 50 -20.74 3.62 1.26
N GLY B 51 -20.89 2.71 0.32
CA GLY B 51 -20.12 1.51 0.36
C GLY B 51 -20.17 0.64 -0.86
N GLN B 52 -19.45 -0.47 -0.78
CA GLN B 52 -19.28 -1.40 -1.86
C GLN B 52 -19.09 -2.78 -1.27
N ASP B 53 -19.71 -3.80 -1.87
CA ASP B 53 -19.50 -5.18 -1.45
C ASP B 53 -18.28 -5.72 -2.18
N ILE B 54 -17.39 -6.36 -1.43
CA ILE B 54 -16.10 -6.81 -1.96
CA ILE B 54 -16.13 -6.82 -2.00
C ILE B 54 -15.95 -8.34 -1.82
N PRO B 55 -15.75 -9.06 -2.95
CA PRO B 55 -15.57 -10.51 -2.92
C PRO B 55 -14.16 -10.93 -2.53
N LEU B 56 -13.81 -10.74 -1.25
CA LEU B 56 -12.49 -11.08 -0.75
C LEU B 56 -12.24 -12.58 -0.75
N LYS B 57 -11.00 -12.96 -1.03
CA LYS B 57 -10.57 -14.35 -0.95
C LYS B 57 -10.31 -14.73 0.51
N PRO B 58 -10.54 -16.01 0.87
CA PRO B 58 -10.18 -16.46 2.21
C PRO B 58 -8.68 -16.60 2.38
N ASN B 59 -8.22 -16.58 3.64
CA ASN B 59 -6.81 -16.80 4.01
C ASN B 59 -5.83 -15.93 3.22
N THR B 60 -6.20 -14.66 3.04
CA THR B 60 -5.46 -13.77 2.17
C THR B 60 -5.14 -12.44 2.85
N THR B 61 -3.94 -11.94 2.58
CA THR B 61 -3.47 -10.67 3.14
C THR B 61 -3.93 -9.51 2.26
N TYR B 62 -4.59 -8.54 2.89
CA TYR B 62 -5.07 -7.35 2.20
C TYR B 62 -4.57 -6.07 2.86
N ILE B 63 -4.31 -5.06 2.04
CA ILE B 63 -3.93 -3.74 2.54
C ILE B 63 -5.01 -2.74 2.16
N LEU B 64 -5.65 -2.18 3.18
CA LEU B 64 -6.64 -1.12 2.99
C LEU B 64 -5.94 0.23 3.10
N GLY B 65 -6.14 1.09 2.11
CA GLY B 65 -5.57 2.43 2.11
C GLY B 65 -6.56 3.45 1.58
N ALA B 66 -6.44 4.68 2.05
CA ALA B 66 -7.32 5.76 1.59
C ALA B 66 -6.71 7.14 1.89
N TRP B 67 -7.07 8.10 1.04
CA TRP B 67 -6.76 9.51 1.27
C TRP B 67 -8.04 10.24 1.66
N ALA B 68 -7.97 11.09 2.68
CA ALA B 68 -9.14 11.86 3.10
C ALA B 68 -8.76 13.18 3.74
N LYS B 69 -9.69 14.12 3.71
CA LYS B 69 -9.61 15.31 4.55
C LYS B 69 -11.00 15.94 4.69
N PHE B 70 -11.21 16.58 5.84
CA PHE B 70 -12.37 17.43 6.05
C PHE B 70 -12.03 18.85 5.62
N ASP B 71 -13.01 19.60 5.14
CA ASP B 71 -12.76 20.99 4.71
C ASP B 71 -12.86 22.02 5.84
N SER B 72 -13.12 21.54 7.05
CA SER B 72 -13.03 22.30 8.31
C SER B 72 -13.01 21.30 9.46
N LYS B 73 -12.70 21.76 10.66
CA LYS B 73 -12.52 20.88 11.83
C LYS B 73 -13.78 20.08 12.16
N PRO B 74 -13.68 18.74 12.15
CA PRO B 74 -14.84 17.93 12.54
C PRO B 74 -14.94 17.73 14.04
N ALA B 75 -16.14 17.37 14.50
CA ALA B 75 -16.36 16.94 15.88
C ALA B 75 -16.09 15.44 16.00
N GLY B 76 -16.54 14.69 15.00
CA GLY B 76 -16.36 13.25 14.96
C GLY B 76 -15.31 12.87 13.94
N THR B 77 -15.55 11.78 13.23
CA THR B 77 -14.58 11.23 12.30
C THR B 77 -15.19 10.80 10.98
N PHE B 78 -14.33 10.54 10.01
CA PHE B 78 -14.67 9.80 8.81
C PHE B 78 -13.93 8.48 8.84
N ASP B 79 -14.65 7.38 8.70
CA ASP B 79 -14.07 6.05 8.82
C ASP B 79 -14.13 5.27 7.51
N VAL B 80 -13.03 4.60 7.20
CA VAL B 80 -12.96 3.67 6.06
C VAL B 80 -12.82 2.29 6.67
N VAL B 81 -13.76 1.41 6.34
CA VAL B 81 -13.93 0.15 7.05
C VAL B 81 -14.12 -1.02 6.10
N VAL B 82 -13.42 -2.12 6.38
CA VAL B 82 -13.76 -3.41 5.78
C VAL B 82 -14.38 -4.26 6.89
N GLN B 83 -15.59 -4.76 6.63
CA GLN B 83 -16.35 -5.48 7.66
C GLN B 83 -17.02 -6.73 7.09
N TYR B 84 -17.09 -7.76 7.93
CA TYR B 84 -17.70 -9.04 7.58
C TYR B 84 -17.85 -9.87 8.85
N HIS B 85 -18.74 -10.86 8.80
CA HIS B 85 -18.89 -11.80 9.91
C HIS B 85 -17.99 -13.01 9.74
N LEU B 86 -17.53 -13.56 10.86
CA LEU B 86 -16.88 -14.86 10.87
C LEU B 86 -17.93 -15.96 10.95
N LYS B 87 -17.54 -17.17 10.55
CA LYS B 87 -18.39 -18.34 10.68
C LYS B 87 -17.99 -19.10 11.95
N ASP B 88 -18.06 -18.41 13.08
CA ASP B 88 -17.74 -19.00 14.37
C ASP B 88 -18.96 -19.07 15.28
N ALA B 89 -18.76 -19.53 16.52
CA ALA B 89 -19.84 -19.72 17.49
C ALA B 89 -20.62 -18.45 17.81
N ASN B 90 -19.91 -17.33 17.95
CA ASN B 90 -20.51 -16.05 18.31
C ASN B 90 -20.95 -15.19 17.11
N ASN B 91 -20.71 -15.69 15.90
CA ASN B 91 -20.94 -14.92 14.67
C ASN B 91 -20.26 -13.55 14.76
N THR B 92 -18.96 -13.57 15.06
CA THR B 92 -18.18 -12.35 15.32
C THR B 92 -18.17 -11.41 14.11
N TYR B 93 -18.55 -10.16 14.36
CA TYR B 93 -18.51 -9.12 13.34
C TYR B 93 -17.17 -8.41 13.37
N VAL B 94 -16.39 -8.62 12.33
CA VAL B 94 -15.02 -8.10 12.23
C VAL B 94 -15.05 -6.77 11.49
N GLN B 95 -14.35 -5.77 12.04
CA GLN B 95 -14.21 -4.46 11.40
C GLN B 95 -12.75 -4.04 11.39
N HIS B 96 -12.22 -3.79 10.20
CA HIS B 96 -10.89 -3.25 10.01
C HIS B 96 -11.07 -1.76 9.70
N ILE B 97 -10.64 -0.89 10.61
CA ILE B 97 -11.05 0.51 10.61
C ILE B 97 -9.90 1.50 10.49
N LEU B 98 -10.03 2.42 9.53
CA LEU B 98 -9.21 3.62 9.47
C LEU B 98 -10.05 4.82 9.91
N ASN B 99 -9.53 5.60 10.86
CA ASN B 99 -10.21 6.80 11.35
C ASN B 99 -9.52 8.06 10.85
N PHE B 100 -10.30 8.98 10.28
CA PHE B 100 -9.78 10.27 9.80
C PHE B 100 -10.48 11.43 10.48
N ASN B 101 -9.71 12.44 10.88
CA ASN B 101 -10.29 13.71 11.35
C ASN B 101 -9.49 14.93 10.90
N GLU B 102 -8.57 14.71 9.95
CA GLU B 102 -7.64 15.73 9.51
C GLU B 102 -8.26 16.72 8.53
N THR B 103 -7.72 17.94 8.51
CA THR B 103 -8.19 18.99 7.62
C THR B 103 -7.20 19.28 6.48
N ASP B 104 -6.15 18.47 6.43
CA ASP B 104 -5.22 18.41 5.30
C ASP B 104 -5.29 17.01 4.72
N TRP B 105 -5.07 16.87 3.41
CA TRP B 105 -5.08 15.54 2.77
C TRP B 105 -4.15 14.59 3.50
N THR B 106 -4.70 13.46 3.94
CA THR B 106 -3.99 12.51 4.77
C THR B 106 -4.18 11.10 4.24
N TYR B 107 -3.08 10.34 4.18
CA TYR B 107 -3.13 8.94 3.79
C TYR B 107 -3.00 8.04 5.01
N LYS B 108 -3.86 7.03 5.11
CA LYS B 108 -3.78 6.02 6.16
C LYS B 108 -3.96 4.64 5.56
N GLN B 109 -3.38 3.64 6.20
CA GLN B 109 -3.47 2.28 5.73
C GLN B 109 -3.44 1.25 6.86
N LEU B 110 -3.96 0.06 6.57
CA LEU B 110 -4.06 -1.04 7.52
CA LEU B 110 -3.97 -1.04 7.52
C LEU B 110 -3.91 -2.37 6.80
N LEU B 111 -3.24 -3.32 7.43
CA LEU B 111 -3.09 -4.66 6.90
C LEU B 111 -3.96 -5.62 7.71
N PHE B 112 -4.63 -6.54 7.02
CA PHE B 112 -5.36 -7.62 7.68
C PHE B 112 -5.30 -8.91 6.88
N THR B 113 -5.62 -10.02 7.54
CA THR B 113 -5.66 -11.32 6.91
C THR B 113 -7.06 -11.91 7.09
N THR B 114 -7.69 -12.28 5.97
CA THR B 114 -9.04 -12.81 5.98
C THR B 114 -9.09 -14.23 6.56
N PRO B 115 -10.26 -14.63 7.13
CA PRO B 115 -10.42 -15.97 7.70
C PRO B 115 -10.52 -17.07 6.62
N ASP B 116 -10.64 -18.32 7.06
CA ASP B 116 -10.83 -19.44 6.13
C ASP B 116 -12.20 -19.45 5.47
N VAL B 117 -13.20 -18.95 6.21
CA VAL B 117 -14.60 -18.92 5.76
C VAL B 117 -15.24 -17.60 6.21
N PHE B 118 -16.05 -17.00 5.32
CA PHE B 118 -16.81 -15.80 5.65
C PHE B 118 -18.24 -16.13 6.07
N GLY B 119 -18.72 -15.44 7.10
CA GLY B 119 -20.12 -15.55 7.54
C GLY B 119 -21.06 -14.65 6.77
N SER B 120 -20.51 -13.58 6.21
CA SER B 120 -21.25 -12.67 5.34
C SER B 120 -20.29 -12.05 4.31
N THR B 121 -20.84 -11.49 3.24
CA THR B 121 -20.03 -10.87 2.19
C THR B 121 -19.35 -9.61 2.73
N PRO B 122 -18.02 -9.50 2.57
CA PRO B 122 -17.33 -8.30 3.04
C PRO B 122 -17.90 -7.02 2.44
N GLU B 123 -17.98 -5.99 3.28
CA GLU B 123 -18.44 -4.69 2.86
C GLU B 123 -17.35 -3.67 3.14
N LEU B 124 -17.09 -2.81 2.15
CA LEU B 124 -16.24 -1.67 2.34
C LEU B 124 -17.14 -0.47 2.59
N ALA B 125 -17.04 0.10 3.78
CA ALA B 125 -17.87 1.24 4.17
C ALA B 125 -17.06 2.51 4.27
N LEU B 126 -17.63 3.59 3.73
CA LEU B 126 -17.10 4.93 3.90
C LEU B 126 -18.12 5.65 4.75
N TRP B 127 -17.81 5.85 6.03
CA TRP B 127 -18.79 6.37 6.98
C TRP B 127 -18.36 7.67 7.64
N LYS B 128 -19.04 8.75 7.27
CA LYS B 128 -18.78 10.07 7.85
C LYS B 128 -19.76 10.31 9.01
N GLY B 129 -19.39 9.82 10.19
CA GLY B 129 -20.24 9.91 11.37
C GLY B 129 -20.35 11.30 11.96
N ASP B 130 -19.41 12.17 11.61
CA ASP B 130 -19.41 13.57 12.05
C ASP B 130 -20.70 14.29 11.67
N THR B 131 -21.18 15.18 12.55
CA THR B 131 -22.39 15.98 12.28
C THR B 131 -22.16 17.50 12.40
N SER B 132 -20.90 17.92 12.32
CA SER B 132 -20.59 19.34 12.15
C SER B 132 -20.92 19.70 10.70
N LYS B 133 -20.70 20.96 10.33
CA LYS B 133 -20.93 21.39 8.95
C LYS B 133 -19.82 20.96 7.98
N ALA B 134 -18.75 20.36 8.51
CA ALA B 134 -17.60 19.96 7.71
C ALA B 134 -17.94 18.99 6.58
N ASN B 135 -17.51 19.33 5.38
CA ASN B 135 -17.59 18.41 4.25
C ASN B 135 -16.39 17.46 4.29
N LEU B 136 -16.60 16.23 3.82
CA LEU B 136 -15.54 15.24 3.78
C LEU B 136 -15.16 14.91 2.33
N TYR B 137 -13.86 14.95 2.04
CA TYR B 137 -13.34 14.47 0.76
C TYR B 137 -12.57 13.17 0.96
N VAL B 138 -12.80 12.21 0.08
CA VAL B 138 -12.07 10.95 0.12
C VAL B 138 -11.73 10.53 -1.32
N ASP B 139 -10.55 9.95 -1.50
CA ASP B 139 -10.08 9.57 -2.83
C ASP B 139 -9.11 8.41 -2.72
N ASP B 140 -8.96 7.69 -3.84
CA ASP B 140 -8.04 6.56 -3.95
C ASP B 140 -8.16 5.57 -2.80
N VAL B 141 -9.38 5.02 -2.66
CA VAL B 141 -9.65 3.98 -1.67
C VAL B 141 -9.23 2.66 -2.29
N TYR B 142 -8.15 2.09 -1.75
CA TYR B 142 -7.58 0.86 -2.27
CA TYR B 142 -7.54 0.87 -2.27
C TYR B 142 -7.67 -0.29 -1.28
N LEU B 143 -7.87 -1.50 -1.81
CA LEU B 143 -7.85 -2.71 -1.01
C LEU B 143 -7.12 -3.74 -1.85
N VAL B 144 -5.81 -3.86 -1.58
CA VAL B 144 -4.93 -4.66 -2.42
CA VAL B 144 -4.94 -4.67 -2.43
C VAL B 144 -4.55 -6.01 -1.80
N GLU B 145 -4.55 -7.05 -2.65
CA GLU B 145 -4.11 -8.38 -2.27
C GLU B 145 -2.60 -8.44 -2.41
N VAL B 146 -1.93 -8.90 -1.35
CA VAL B 146 -0.49 -9.15 -1.41
C VAL B 146 -0.16 -10.56 -0.89
#